data_8KCK
#
_entry.id   8KCK
#
_cell.length_a   35.011
_cell.length_b   75.997
_cell.length_c   129.640
_cell.angle_alpha   90.00
_cell.angle_beta   90.00
_cell.angle_gamma   90.00
#
_symmetry.space_group_name_H-M   'C 2 2 21'
#
loop_
_entity.id
_entity.type
_entity.pdbx_description
1 polymer 'De novo design protein -N9'
2 water water
#
_entity_poly.entity_id   1
_entity_poly.type   'polypeptide(L)'
_entity_poly.pdbx_seq_one_letter_code
;GAEAAAAAAVTAELRAFRAAGGTVELEDLPVTPETLARAEAALARLPPESVAVETYTVPAPTPEAFLAALEAALARLAAE
GLPAILLRVVDADGNLVGSILVAAAGPPAESAAATGRVLTIYVASSPEGLKVARGLAIETRDAGGLALAIGASGAWALAG
LAGALALARRLAEAHGAPVRVVTIGDPANPTDAALAAAIRAAYAAALEHHHHHH
;
_entity_poly.pdbx_strand_id   A
#
# COMPACT_ATOMS: atom_id res chain seq x y z
N GLY A 1 -0.64 1.18 -22.89
CA GLY A 1 0.58 0.49 -22.49
C GLY A 1 0.44 -0.08 -21.09
N ALA A 2 1.54 -0.56 -20.49
CA ALA A 2 1.48 -1.19 -19.18
C ALA A 2 0.91 -0.24 -18.12
N GLU A 3 1.31 1.04 -18.17
CA GLU A 3 0.84 2.00 -17.18
C GLU A 3 -0.66 2.21 -17.31
N ALA A 4 -1.15 2.29 -18.53
CA ALA A 4 -2.59 2.45 -18.73
C ALA A 4 -3.37 1.24 -18.22
N ALA A 5 -2.85 0.03 -18.48
CA ALA A 5 -3.55 -1.17 -18.01
C ALA A 5 -3.54 -1.24 -16.49
N ALA A 6 -2.44 -0.85 -15.88
CA ALA A 6 -2.37 -0.87 -14.41
C ALA A 6 -3.30 0.15 -13.80
N ALA A 7 -3.39 1.33 -14.43
CA ALA A 7 -4.35 2.34 -13.95
C ALA A 7 -5.77 1.83 -14.05
N ALA A 8 -6.09 1.12 -15.15
CA ALA A 8 -7.45 0.59 -15.29
C ALA A 8 -7.73 -0.43 -14.20
N ALA A 9 -6.71 -1.19 -13.78
CA ALA A 9 -6.90 -2.10 -12.67
C ALA A 9 -7.19 -1.36 -11.38
N VAL A 10 -6.47 -0.27 -11.12
CA VAL A 10 -6.79 0.55 -9.95
C VAL A 10 -8.24 0.99 -10.01
N THR A 11 -8.68 1.52 -11.18
CA THR A 11 -10.06 2.01 -11.28
C THR A 11 -11.03 0.88 -11.00
N ALA A 12 -10.75 -0.32 -11.53
CA ALA A 12 -11.67 -1.43 -11.36
C ALA A 12 -11.72 -1.86 -9.90
N GLU A 13 -10.58 -1.85 -9.20
CA GLU A 13 -10.58 -2.25 -7.80
C GLU A 13 -11.24 -1.20 -6.92
N LEU A 14 -11.08 0.09 -7.24
CA LEU A 14 -11.81 1.12 -6.51
C LEU A 14 -13.31 0.94 -6.65
N ARG A 15 -13.76 0.72 -7.89
CA ARG A 15 -15.20 0.50 -8.13
C ARG A 15 -15.66 -0.72 -7.35
N ALA A 16 -14.88 -1.79 -7.36
CA ALA A 16 -15.31 -3.02 -6.71
C ALA A 16 -15.39 -2.85 -5.20
N PHE A 17 -14.45 -2.10 -4.62
CA PHE A 17 -14.52 -1.91 -3.17
C PHE A 17 -15.78 -1.18 -2.77
N ARG A 18 -16.11 -0.14 -3.51
CA ARG A 18 -17.34 0.60 -3.23
C ARG A 18 -18.59 -0.24 -3.46
N ALA A 19 -18.62 -1.04 -4.54
CA ALA A 19 -19.79 -1.87 -4.81
C ALA A 19 -19.98 -2.90 -3.70
N ALA A 20 -18.91 -3.33 -3.05
CA ALA A 20 -19.02 -4.24 -1.93
C ALA A 20 -19.48 -3.58 -0.63
N GLY A 21 -19.61 -2.26 -0.58
CA GLY A 21 -20.17 -1.59 0.56
C GLY A 21 -19.24 -0.73 1.38
N GLY A 22 -18.00 -0.46 0.91
CA GLY A 22 -17.06 0.34 1.67
C GLY A 22 -16.66 1.59 0.94
N THR A 23 -16.36 2.62 1.70
CA THR A 23 -15.83 3.87 1.13
C THR A 23 -14.30 3.75 0.97
N VAL A 24 -13.78 4.23 -0.17
CA VAL A 24 -12.34 4.47 -0.34
C VAL A 24 -12.05 5.92 0.00
N GLU A 25 -11.19 6.11 0.99
CA GLU A 25 -10.73 7.45 1.39
C GLU A 25 -9.35 7.67 0.81
N LEU A 26 -9.22 8.59 -0.12
CA LEU A 26 -7.96 8.86 -0.77
C LEU A 26 -7.40 10.18 -0.22
N GLU A 27 -6.15 10.13 0.23
CA GLU A 27 -5.42 11.26 0.77
C GLU A 27 -4.11 11.38 0.03
N ASP A 28 -3.64 12.60 -0.13
CA ASP A 28 -2.30 12.84 -0.67
C ASP A 28 -1.62 13.76 0.30
N LEU A 29 -0.45 13.32 0.75
CA LEU A 29 0.30 14.06 1.74
C LEU A 29 1.70 14.40 1.22
N PRO A 30 2.17 15.61 1.44
CA PRO A 30 3.53 15.96 1.07
C PRO A 30 4.52 15.54 2.13
N VAL A 31 5.75 15.31 1.71
CA VAL A 31 6.83 15.22 2.68
C VAL A 31 7.14 16.63 3.19
N THR A 32 7.05 16.82 4.49
CA THR A 32 7.27 18.12 5.13
C THR A 32 7.99 17.86 6.44
N PRO A 33 8.51 18.88 7.12
CA PRO A 33 9.11 18.61 8.43
C PRO A 33 8.18 17.86 9.38
N GLU A 34 6.88 18.19 9.37
CA GLU A 34 5.95 17.52 10.28
C GLU A 34 5.78 16.04 9.91
N THR A 35 5.58 15.72 8.63
CA THR A 35 5.38 14.32 8.27
C THR A 35 6.68 13.52 8.38
N LEU A 36 7.82 14.13 8.04
CA LEU A 36 9.08 13.42 8.24
C LEU A 36 9.31 13.09 9.71
N ALA A 37 9.03 14.03 10.61
CA ALA A 37 9.27 13.77 12.02
C ALA A 37 8.37 12.66 12.54
N ARG A 38 7.09 12.66 12.12
CA ARG A 38 6.20 11.58 12.51
C ARG A 38 6.74 10.25 11.99
N ALA A 39 7.19 10.22 10.74
CA ALA A 39 7.67 8.96 10.20
C ALA A 39 8.91 8.49 10.94
N GLU A 40 9.86 9.38 11.21
CA GLU A 40 11.07 8.99 11.90
C GLU A 40 10.77 8.47 13.30
N ALA A 41 9.82 9.10 14.01
CA ALA A 41 9.49 8.65 15.36
C ALA A 41 8.96 7.23 15.32
N ALA A 42 8.15 6.90 14.33
CA ALA A 42 7.61 5.55 14.22
C ALA A 42 8.68 4.56 13.78
N LEU A 43 9.55 4.92 12.82
CA LEU A 43 10.62 4.01 12.42
C LEU A 43 11.57 3.71 13.57
N ALA A 44 11.79 4.68 14.47
CA ALA A 44 12.66 4.47 15.62
C ALA A 44 12.12 3.41 16.57
N ARG A 45 10.78 3.23 16.61
CA ARG A 45 10.15 2.21 17.44
C ARG A 45 10.28 0.82 16.85
N LEU A 46 10.49 0.71 15.54
CA LEU A 46 10.67 -0.56 14.87
C LEU A 46 11.84 -0.37 13.89
N GLU A 49 16.38 -1.78 10.02
CA GLU A 49 17.22 -2.96 9.89
C GLU A 49 16.73 -4.14 10.74
N SER A 50 15.77 -3.90 11.66
CA SER A 50 15.26 -4.99 12.51
C SER A 50 14.20 -5.83 11.80
N VAL A 51 13.61 -5.32 10.71
CA VAL A 51 12.49 -5.96 10.02
C VAL A 51 13.01 -7.04 9.06
N ALA A 52 12.37 -8.21 9.11
CA ALA A 52 12.63 -9.30 8.17
C ALA A 52 12.35 -8.88 6.74
N VAL A 53 13.12 -9.47 5.81
CA VAL A 53 12.97 -9.28 4.38
C VAL A 53 12.75 -10.63 3.74
N GLU A 54 11.89 -10.62 2.75
CA GLU A 54 11.78 -11.70 1.80
C GLU A 54 11.64 -11.08 0.43
N THR A 55 12.04 -11.85 -0.58
CA THR A 55 11.99 -11.42 -1.97
C THR A 55 10.99 -12.31 -2.70
N TYR A 56 10.06 -11.68 -3.41
CA TYR A 56 9.09 -12.32 -4.33
C TYR A 56 9.37 -11.95 -5.78
N THR A 57 9.21 -12.92 -6.69
CA THR A 57 9.38 -12.69 -8.12
C THR A 57 8.01 -12.48 -8.78
N VAL A 58 7.81 -11.30 -9.38
CA VAL A 58 6.60 -10.90 -10.11
C VAL A 58 7.07 -10.47 -11.50
N PRO A 59 6.95 -11.33 -12.51
CA PRO A 59 7.51 -11.01 -13.84
C PRO A 59 6.80 -9.85 -14.54
N ALA A 60 5.54 -9.56 -14.22
CA ALA A 60 4.80 -8.49 -14.88
C ALA A 60 3.85 -7.82 -13.90
N PRO A 61 3.54 -6.56 -14.10
CA PRO A 61 2.77 -5.81 -13.09
C PRO A 61 1.26 -6.09 -13.06
N THR A 62 0.83 -7.11 -12.31
CA THR A 62 -0.58 -7.46 -12.33
C THR A 62 -1.19 -7.39 -10.94
N PRO A 63 -2.47 -7.03 -10.86
CA PRO A 63 -3.13 -6.95 -9.55
C PRO A 63 -3.19 -8.31 -8.86
N GLU A 64 -3.43 -9.36 -9.65
CA GLU A 64 -3.55 -10.72 -9.10
C GLU A 64 -2.25 -11.16 -8.45
N ALA A 65 -1.12 -10.82 -9.05
CA ALA A 65 0.16 -11.23 -8.49
C ALA A 65 0.47 -10.47 -7.21
N PHE A 66 0.17 -9.18 -7.16
CA PHE A 66 0.38 -8.42 -5.92
C PHE A 66 -0.56 -8.87 -4.83
N LEU A 67 -1.83 -9.16 -5.15
CA LEU A 67 -2.73 -9.70 -4.14
C LEU A 67 -2.15 -10.97 -3.52
N ALA A 68 -1.70 -11.89 -4.38
CA ALA A 68 -1.18 -13.15 -3.86
C ALA A 68 0.09 -12.97 -3.04
N ALA A 69 0.98 -12.06 -3.47
CA ALA A 69 2.18 -11.78 -2.69
C ALA A 69 1.83 -11.19 -1.32
N LEU A 70 0.85 -10.28 -1.27
CA LEU A 70 0.45 -9.72 0.01
C LEU A 70 -0.16 -10.79 0.90
N GLU A 71 -0.98 -11.68 0.33
CA GLU A 71 -1.54 -12.75 1.14
C GLU A 71 -0.42 -13.63 1.70
N ALA A 72 0.62 -13.89 0.89
CA ALA A 72 1.74 -14.69 1.36
C ALA A 72 2.45 -13.96 2.50
N ALA A 73 2.62 -12.66 2.36
CA ALA A 73 3.29 -11.91 3.42
C ALA A 73 2.47 -11.96 4.71
N LEU A 74 1.15 -11.79 4.64
CA LEU A 74 0.35 -11.86 5.86
C LEU A 74 0.44 -13.25 6.48
N ALA A 75 0.45 -14.29 5.66
CA ALA A 75 0.56 -15.64 6.20
C ALA A 75 1.88 -15.83 6.92
N ARG A 76 2.97 -15.26 6.36
CA ARG A 76 4.26 -15.37 7.03
C ARG A 76 4.28 -14.60 8.34
N LEU A 77 3.66 -13.42 8.39
CA LEU A 77 3.59 -12.67 9.64
C LEU A 77 2.88 -13.47 10.71
N ALA A 78 1.76 -14.10 10.35
CA ALA A 78 1.03 -14.94 11.29
C ALA A 78 1.87 -16.10 11.76
N ALA A 79 2.62 -16.73 10.85
CA ALA A 79 3.35 -17.94 11.23
C ALA A 79 4.53 -17.61 12.14
N GLU A 80 5.19 -16.47 11.92
CA GLU A 80 6.36 -16.11 12.71
C GLU A 80 6.06 -15.20 13.90
N GLY A 81 4.85 -14.65 13.98
CA GLY A 81 4.53 -13.74 15.07
C GLY A 81 5.23 -12.41 15.00
N LEU A 82 5.47 -11.93 13.89
CA LEU A 82 6.25 -10.72 13.65
C LEU A 82 5.36 -9.51 13.45
N PRO A 83 5.83 -8.31 13.77
CA PRO A 83 4.98 -7.13 13.59
C PRO A 83 5.02 -6.59 12.18
N ALA A 84 6.04 -6.94 11.39
CA ALA A 84 6.15 -6.39 10.05
C ALA A 84 7.06 -7.26 9.23
N ILE A 85 6.96 -7.10 7.92
CA ILE A 85 7.83 -7.81 6.98
C ILE A 85 8.04 -6.89 5.80
N LEU A 86 9.29 -6.82 5.32
CA LEU A 86 9.64 -6.03 4.15
C LEU A 86 9.76 -6.98 2.96
N LEU A 87 8.99 -6.74 1.94
CA LEU A 87 9.08 -7.51 0.71
C LEU A 87 9.89 -6.73 -0.30
N ARG A 88 10.85 -7.38 -0.91
CA ARG A 88 11.46 -6.91 -2.14
C ARG A 88 10.74 -7.58 -3.29
N VAL A 89 10.32 -6.82 -4.28
CA VAL A 89 9.63 -7.37 -5.42
C VAL A 89 10.60 -7.30 -6.61
N VAL A 90 10.87 -8.44 -7.23
CA VAL A 90 11.78 -8.49 -8.39
C VAL A 90 11.08 -9.00 -9.66
N ASP A 91 11.58 -8.57 -10.83
CA ASP A 91 11.12 -9.07 -12.14
C ASP A 91 11.76 -10.42 -12.50
N ALA A 92 11.54 -10.88 -13.74
CA ALA A 92 11.99 -12.21 -14.11
C ALA A 92 13.50 -12.28 -14.33
N ASP A 93 14.18 -11.15 -14.40
CA ASP A 93 15.64 -11.11 -14.48
C ASP A 93 16.26 -10.86 -13.12
N GLY A 94 15.44 -10.80 -12.07
CA GLY A 94 15.90 -10.57 -10.72
C GLY A 94 16.12 -9.13 -10.38
N ASN A 95 15.70 -8.18 -11.22
CA ASN A 95 15.89 -6.76 -10.91
C ASN A 95 14.72 -6.21 -10.10
N LEU A 96 15.05 -5.35 -9.13
CA LEU A 96 14.06 -4.93 -8.15
C LEU A 96 13.11 -3.97 -8.86
N VAL A 97 11.82 -4.23 -8.72
CA VAL A 97 10.84 -3.31 -9.32
C VAL A 97 9.94 -2.67 -8.27
N GLY A 98 10.18 -2.96 -6.99
CA GLY A 98 9.42 -2.33 -5.92
C GLY A 98 9.77 -2.93 -4.56
N SER A 99 9.20 -2.34 -3.50
CA SER A 99 9.24 -2.94 -2.16
C SER A 99 7.88 -2.71 -1.50
N ILE A 100 7.52 -3.59 -0.57
CA ILE A 100 6.28 -3.39 0.20
C ILE A 100 6.56 -3.73 1.65
N LEU A 101 6.38 -2.75 2.54
CA LEU A 101 6.44 -3.02 3.96
C LEU A 101 5.04 -3.30 4.46
N VAL A 102 4.84 -4.46 5.06
CA VAL A 102 3.54 -4.90 5.52
C VAL A 102 3.59 -4.91 7.03
N ALA A 103 2.69 -4.20 7.69
CA ALA A 103 2.72 -4.05 9.14
C ALA A 103 1.39 -4.44 9.75
N ALA A 104 1.35 -5.47 10.60
CA ALA A 104 0.08 -5.95 11.17
C ALA A 104 0.08 -5.78 12.68
N ALA A 105 -1.09 -5.49 13.26
CA ALA A 105 -1.21 -5.40 14.72
C ALA A 105 -1.83 -6.63 15.36
N GLY A 106 -2.19 -7.63 14.57
CA GLY A 106 -2.91 -8.79 15.00
C GLY A 106 -3.59 -9.39 13.80
N PRO A 107 -4.57 -10.26 14.01
CA PRO A 107 -5.35 -10.75 12.87
C PRO A 107 -5.99 -9.58 12.13
N PRO A 108 -5.94 -9.57 10.79
CA PRO A 108 -6.55 -8.45 10.05
C PRO A 108 -8.06 -8.27 10.25
N ALA A 109 -8.82 -9.35 10.47
CA ALA A 109 -10.23 -9.16 10.76
C ALA A 109 -10.44 -8.34 12.03
N GLU A 110 -9.58 -8.55 13.03
CA GLU A 110 -9.77 -7.85 14.30
C GLU A 110 -9.35 -6.38 14.23
N SER A 111 -8.25 -6.08 13.53
CA SER A 111 -7.83 -4.69 13.36
C SER A 111 -8.88 -3.89 12.62
N ALA A 112 -9.51 -4.50 11.63
CA ALA A 112 -10.58 -3.82 10.85
C ALA A 112 -11.73 -3.43 11.78
N ALA A 113 -12.11 -4.33 12.69
CA ALA A 113 -13.24 -4.10 13.61
C ALA A 113 -12.87 -3.12 14.72
N ALA A 114 -11.66 -3.21 15.28
CA ALA A 114 -11.24 -2.36 16.40
C ALA A 114 -11.00 -0.90 15.98
N THR A 115 -10.35 -0.70 14.84
CA THR A 115 -10.03 0.65 14.40
C THR A 115 -11.07 1.25 13.44
N GLY A 116 -12.00 0.44 12.92
CA GLY A 116 -12.94 0.97 11.92
C GLY A 116 -12.36 1.23 10.53
N ARG A 117 -11.20 0.69 10.24
CA ARG A 117 -10.61 0.79 8.90
C ARG A 117 -10.01 -0.54 8.57
N VAL A 118 -10.23 -1.03 7.34
CA VAL A 118 -9.76 -2.40 7.04
C VAL A 118 -8.27 -2.42 6.76
N LEU A 119 -7.73 -1.37 6.14
CA LEU A 119 -6.33 -1.33 5.70
C LEU A 119 -6.04 0.12 5.38
N THR A 120 -4.79 0.49 5.63
CA THR A 120 -4.26 1.77 5.14
C THR A 120 -3.12 1.47 4.16
N ILE A 121 -3.24 1.98 2.95
CA ILE A 121 -2.26 1.69 1.87
C ILE A 121 -1.50 2.95 1.59
N TYR A 122 -0.21 3.01 1.95
CA TYR A 122 0.65 4.17 1.61
C TYR A 122 1.41 3.82 0.34
N VAL A 123 1.54 4.82 -0.55
CA VAL A 123 2.22 4.61 -1.84
C VAL A 123 3.17 5.76 -2.08
N ALA A 124 4.41 5.43 -2.50
CA ALA A 124 5.39 6.43 -2.88
C ALA A 124 6.29 5.88 -3.96
N SER A 125 6.85 6.79 -4.76
CA SER A 125 7.87 6.38 -5.71
C SER A 125 9.29 6.74 -5.26
N SER A 126 9.51 7.92 -4.79
CA SER A 126 10.87 8.36 -4.51
C SER A 126 11.32 7.80 -3.17
N PRO A 127 12.62 7.63 -2.97
CA PRO A 127 13.07 7.13 -1.65
C PRO A 127 12.68 8.08 -0.52
N GLU A 128 12.61 9.38 -0.79
CA GLU A 128 12.20 10.32 0.22
C GLU A 128 10.70 10.17 0.58
N GLY A 129 9.83 10.03 -0.41
CA GLY A 129 8.42 9.73 -0.11
C GLY A 129 8.31 8.40 0.60
N LEU A 130 9.10 7.41 0.19
CA LEU A 130 8.96 6.05 0.75
C LEU A 130 9.35 6.01 2.21
N LYS A 131 10.33 6.80 2.66
CA LYS A 131 10.67 6.87 4.07
C LYS A 131 9.46 7.27 4.86
N VAL A 132 8.75 8.28 4.39
CA VAL A 132 7.56 8.75 5.11
C VAL A 132 6.44 7.73 5.02
N ALA A 133 6.19 7.13 3.84
CA ALA A 133 5.17 6.08 3.70
C ALA A 133 5.45 4.94 4.67
N ARG A 134 6.69 4.47 4.75
CA ARG A 134 7.02 3.39 5.65
C ARG A 134 6.81 3.76 7.10
N GLY A 135 7.24 4.96 7.49
CA GLY A 135 7.07 5.35 8.88
C GLY A 135 5.60 5.54 9.25
N LEU A 136 4.80 6.09 8.34
CA LEU A 136 3.38 6.25 8.62
C LEU A 136 2.66 4.92 8.63
N ALA A 137 3.11 3.93 7.89
CA ALA A 137 2.53 2.60 8.00
C ALA A 137 2.79 2.03 9.40
N ILE A 138 4.01 2.17 9.91
CA ILE A 138 4.31 1.74 11.26
C ILE A 138 3.47 2.52 12.30
N GLU A 139 3.31 3.83 12.11
CA GLU A 139 2.45 4.58 13.01
C GLU A 139 1.04 3.99 13.01
N THR A 140 0.50 3.67 11.85
CA THR A 140 -0.83 3.05 11.77
C THR A 140 -0.87 1.74 12.52
N ARG A 141 0.12 0.89 12.32
CA ARG A 141 0.20 -0.36 13.07
C ARG A 141 0.19 -0.10 14.57
N ASP A 142 0.96 0.90 15.04
CA ASP A 142 1.02 1.16 16.46
C ASP A 142 -0.28 1.72 17.00
N ALA A 143 -1.10 2.29 16.15
CA ALA A 143 -2.46 2.68 16.52
C ALA A 143 -3.45 1.51 16.46
N GLY A 144 -3.00 0.32 16.03
CA GLY A 144 -3.86 -0.86 16.04
C GLY A 144 -4.35 -1.32 14.67
N GLY A 145 -3.89 -0.72 13.61
CA GLY A 145 -4.41 -0.99 12.29
C GLY A 145 -3.44 -1.76 11.41
N LEU A 146 -3.93 -2.40 10.37
CA LEU A 146 -3.12 -3.05 9.37
C LEU A 146 -2.74 -2.03 8.31
N ALA A 147 -1.48 -2.02 7.90
CA ALA A 147 -1.01 -1.02 6.97
C ALA A 147 0.05 -1.59 6.06
N LEU A 148 0.17 -1.01 4.89
CA LEU A 148 1.29 -1.38 4.05
C LEU A 148 1.82 -0.16 3.33
N ALA A 149 3.10 -0.17 2.99
CA ALA A 149 3.75 0.94 2.27
C ALA A 149 4.40 0.38 1.02
N ILE A 150 3.90 0.79 -0.12
CA ILE A 150 4.43 0.39 -1.42
C ILE A 150 5.39 1.43 -1.91
N GLY A 151 6.60 0.99 -2.27
CA GLY A 151 7.60 1.83 -2.95
C GLY A 151 7.80 1.32 -4.37
N ALA A 152 7.32 2.03 -5.39
CA ALA A 152 7.46 1.54 -6.74
C ALA A 152 7.07 2.69 -7.65
N SER A 153 7.26 2.50 -8.97
CA SER A 153 6.95 3.55 -9.92
C SER A 153 6.11 2.96 -11.06
N GLY A 154 5.45 3.86 -11.76
CA GLY A 154 4.74 3.52 -13.01
C GLY A 154 3.76 2.39 -12.81
N ALA A 155 3.81 1.44 -13.76
CA ALA A 155 2.84 0.33 -13.78
C ALA A 155 2.96 -0.53 -12.53
N TRP A 156 4.19 -0.67 -11.98
CA TRP A 156 4.37 -1.47 -10.78
C TRP A 156 3.69 -0.84 -9.58
N ALA A 157 3.82 0.48 -9.42
CA ALA A 157 3.13 1.12 -8.30
C ALA A 157 1.62 0.98 -8.41
N LEU A 158 1.08 1.20 -9.61
CA LEU A 158 -0.35 1.11 -9.81
C LEU A 158 -0.82 -0.33 -9.65
N ALA A 159 -0.11 -1.31 -10.18
CA ALA A 159 -0.55 -2.69 -9.99
C ALA A 159 -0.45 -3.08 -8.52
N GLY A 160 0.58 -2.60 -7.83
CA GLY A 160 0.64 -2.83 -6.38
C GLY A 160 -0.53 -2.25 -5.63
N LEU A 161 -0.90 -1.01 -5.95
CA LEU A 161 -2.08 -0.39 -5.35
C LEU A 161 -3.35 -1.18 -5.66
N ALA A 162 -3.50 -1.64 -6.90
CA ALA A 162 -4.68 -2.41 -7.28
C ALA A 162 -4.74 -3.72 -6.50
N GLY A 163 -3.58 -4.41 -6.33
CA GLY A 163 -3.60 -5.63 -5.54
C GLY A 163 -3.89 -5.37 -4.07
N ALA A 164 -3.36 -4.26 -3.53
CA ALA A 164 -3.65 -3.90 -2.15
C ALA A 164 -5.14 -3.59 -1.96
N LEU A 165 -5.78 -2.88 -2.92
CA LEU A 165 -7.24 -2.65 -2.85
C LEU A 165 -8.00 -3.97 -2.90
N ALA A 166 -7.55 -4.92 -3.73
CA ALA A 166 -8.17 -6.25 -3.75
C ALA A 166 -8.02 -6.95 -2.40
N LEU A 167 -6.86 -6.81 -1.76
CA LEU A 167 -6.70 -7.39 -0.42
C LEU A 167 -7.64 -6.74 0.57
N ALA A 168 -7.73 -5.42 0.53
CA ALA A 168 -8.68 -4.71 1.42
C ALA A 168 -10.11 -5.20 1.22
N ARG A 169 -10.51 -5.41 -0.05
CA ARG A 169 -11.86 -5.84 -0.32
C ARG A 169 -12.11 -7.23 0.24
N ARG A 170 -11.10 -8.12 0.07
CA ARG A 170 -11.24 -9.48 0.57
C ARG A 170 -11.32 -9.48 2.09
N LEU A 171 -10.46 -8.72 2.75
CA LEU A 171 -10.43 -8.66 4.20
C LEU A 171 -11.68 -8.02 4.79
N ALA A 172 -12.26 -7.05 4.08
CA ALA A 172 -13.48 -6.40 4.57
C ALA A 172 -14.70 -7.33 4.61
N GLU A 173 -14.80 -8.31 3.69
CA GLU A 173 -15.88 -9.27 3.67
C GLU A 173 -17.22 -8.55 3.70
N ALA A 174 -17.30 -7.43 2.99
CA ALA A 174 -18.59 -6.70 2.91
C ALA A 174 -19.13 -6.12 4.24
N HIS A 175 -18.32 -6.05 5.30
CA HIS A 175 -18.68 -5.47 6.58
C HIS A 175 -18.69 -3.95 6.57
N GLY A 176 -18.34 -3.29 5.47
CA GLY A 176 -18.56 -1.87 5.33
C GLY A 176 -17.44 -0.97 5.83
N ALA A 177 -16.28 -1.54 6.30
CA ALA A 177 -15.26 -0.65 6.79
C ALA A 177 -14.53 0.02 5.62
N PRO A 178 -14.14 1.25 5.80
CA PRO A 178 -13.42 1.94 4.74
C PRO A 178 -11.98 1.46 4.59
N VAL A 179 -11.39 1.73 3.44
CA VAL A 179 -9.96 1.61 3.22
C VAL A 179 -9.41 3.00 2.96
N ARG A 180 -8.23 3.29 3.52
CA ARG A 180 -7.59 4.57 3.31
C ARG A 180 -6.37 4.39 2.41
N VAL A 181 -6.27 5.16 1.36
CA VAL A 181 -5.13 5.15 0.45
C VAL A 181 -4.44 6.50 0.61
N VAL A 182 -3.11 6.48 0.86
CA VAL A 182 -2.36 7.70 1.14
C VAL A 182 -1.16 7.74 0.19
N THR A 183 -1.16 8.67 -0.77
N THR A 183 -1.19 8.68 -0.76
CA THR A 183 0.03 8.83 -1.62
CA THR A 183 -0.03 8.94 -1.58
C THR A 183 0.93 9.91 -1.03
C THR A 183 0.90 9.86 -0.81
N ILE A 184 2.20 9.58 -0.89
CA ILE A 184 3.19 10.45 -0.25
C ILE A 184 4.17 10.92 -1.31
N GLY A 185 4.36 12.22 -1.41
CA GLY A 185 5.28 12.74 -2.41
C GLY A 185 6.21 13.80 -1.86
N ASP A 186 7.47 13.72 -2.30
CA ASP A 186 8.40 14.84 -2.08
C ASP A 186 7.91 16.00 -2.96
N PRO A 187 7.71 17.22 -2.42
CA PRO A 187 7.02 18.31 -3.19
C PRO A 187 7.69 18.71 -4.48
N ALA A 188 8.96 18.47 -4.60
CA ALA A 188 9.66 18.85 -5.82
C ALA A 188 9.79 17.76 -6.88
N ASN A 189 9.44 16.52 -6.58
CA ASN A 189 9.82 15.37 -7.39
C ASN A 189 8.74 15.12 -8.43
N PRO A 190 9.03 15.25 -9.74
CA PRO A 190 7.96 15.12 -10.72
C PRO A 190 7.46 13.72 -10.82
N THR A 191 8.33 12.74 -10.53
CA THR A 191 7.88 11.34 -10.52
C THR A 191 6.81 11.16 -9.46
N ASP A 192 7.06 11.61 -8.23
CA ASP A 192 6.03 11.53 -7.21
C ASP A 192 4.78 12.28 -7.65
N ALA A 193 4.94 13.46 -8.27
CA ALA A 193 3.76 14.19 -8.73
C ALA A 193 3.03 13.44 -9.83
N ALA A 194 3.78 12.82 -10.75
CA ALA A 194 3.16 12.04 -11.79
C ALA A 194 2.38 10.88 -11.19
N LEU A 195 2.93 10.22 -10.17
CA LEU A 195 2.19 9.10 -9.58
C LEU A 195 0.90 9.60 -8.94
N ALA A 196 0.96 10.68 -8.19
CA ALA A 196 -0.24 11.18 -7.55
C ALA A 196 -1.27 11.56 -8.59
N ALA A 197 -0.83 12.18 -9.71
CA ALA A 197 -1.79 12.56 -10.76
C ALA A 197 -2.43 11.33 -11.37
N ALA A 198 -1.63 10.26 -11.56
CA ALA A 198 -2.17 9.06 -12.17
C ALA A 198 -3.18 8.41 -11.23
N ILE A 199 -2.89 8.39 -9.91
CA ILE A 199 -3.84 7.78 -8.99
C ILE A 199 -5.12 8.60 -8.89
N ARG A 200 -5.01 9.92 -8.87
CA ARG A 200 -6.22 10.75 -8.83
C ARG A 200 -7.06 10.58 -10.09
N ALA A 201 -6.40 10.45 -11.24
CA ALA A 201 -7.18 10.25 -12.47
C ALA A 201 -7.89 8.90 -12.43
N ALA A 202 -7.21 7.87 -11.91
CA ALA A 202 -7.84 6.58 -11.84
C ALA A 202 -9.00 6.60 -10.87
N TYR A 203 -8.90 7.42 -9.81
CA TYR A 203 -9.98 7.52 -8.88
C TYR A 203 -11.17 8.29 -9.48
N ALA A 204 -10.88 9.40 -10.19
CA ALA A 204 -11.96 10.11 -10.88
C ALA A 204 -12.72 9.17 -11.82
N ALA A 205 -12.01 8.31 -12.55
CA ALA A 205 -12.68 7.40 -13.47
C ALA A 205 -13.56 6.39 -12.75
N ALA A 206 -13.19 6.00 -11.52
CA ALA A 206 -13.96 5.04 -10.78
C ALA A 206 -15.28 5.61 -10.29
N LEU A 207 -15.36 6.93 -10.10
CA LEU A 207 -16.55 7.60 -9.55
C LEU A 207 -17.50 8.07 -10.62
N GLU A 208 -17.10 8.08 -11.88
CA GLU A 208 -17.94 8.61 -12.95
C GLU A 208 -19.17 7.75 -13.05
#